data_7FCB
#
_entry.id   7FCB
#
_cell.length_a   90.210
_cell.length_b   52.316
_cell.length_c   57.784
_cell.angle_alpha   90.000
_cell.angle_beta   99.440
_cell.angle_gamma   90.000
#
_symmetry.space_group_name_H-M   'C 1 2 1'
#
loop_
_entity.id
_entity.type
_entity.pdbx_description
1 polymer '2-oxoglutarate/Fe(II)-dependent dioxygenase SptF'
2 non-polymer N-OXALYLGLYCINE
3 non-polymer 'FE (II) ION'
4 water water
#
_entity_poly.entity_id   1
_entity_poly.type   'polypeptide(L)'
_entity_poly.pdbx_seq_one_letter_code
;MPQLHYVPYDTPVEDVMRILKESGTLVIRNFLDQNTVQKVQDEVDDYVRNWNPGPGSKTKQPSNLSLMSKTYRCEVLNHP
WMHAICERMFGPTYGDYWFNGGSILHLEPGENTQPIHQDHVFYQISKWRRPTDPDLTINFTMALTEFTVENGGTRVCPGS
HLWENGHASPAEEDMVPVLMQPGDALILPGSMWHSAGANRTSEYRRGFATSFHPCHFTPIESHHHLPREMVEEMTPLVQK
MLGFRTLNLHNNVKVWKAGEGNLEDATGLKSVAAKLAAALEHHHHHH
;
_entity_poly.pdbx_strand_id   C
#
loop_
_chem_comp.id
_chem_comp.type
_chem_comp.name
_chem_comp.formula
FE2 non-polymer 'FE (II) ION' 'Fe 2'
OGA non-polymer N-OXALYLGLYCINE 'C4 H5 N O5'
#
# COMPACT_ATOMS: atom_id res chain seq x y z
N PRO A 2 2.07 17.47 16.77
CA PRO A 2 2.45 16.54 15.71
C PRO A 2 3.35 17.20 14.66
N GLN A 3 4.16 16.37 14.01
CA GLN A 3 5.22 16.84 13.11
C GLN A 3 5.39 15.76 12.05
N LEU A 4 5.89 16.15 10.88
CA LEU A 4 6.32 15.17 9.89
C LEU A 4 7.73 14.71 10.24
N HIS A 5 7.89 13.42 10.51
CA HIS A 5 9.19 12.86 10.83
C HIS A 5 9.71 12.06 9.64
N TYR A 6 11.01 12.18 9.39
CA TYR A 6 11.72 11.35 8.42
C TYR A 6 12.68 10.48 9.24
N VAL A 7 12.52 9.17 9.15
CA VAL A 7 13.27 8.26 10.00
C VAL A 7 14.12 7.30 9.15
N PRO A 8 15.25 6.83 9.67
CA PRO A 8 16.04 5.85 8.93
C PRO A 8 15.36 4.50 8.86
N TYR A 9 15.79 3.71 7.87
CA TYR A 9 15.23 2.39 7.66
C TYR A 9 15.28 1.53 8.92
N ASP A 10 16.36 1.65 9.69
CA ASP A 10 16.56 0.79 10.85
C ASP A 10 15.89 1.31 12.12
N THR A 11 14.97 2.27 12.01
CA THR A 11 14.21 2.72 13.16
C THR A 11 13.40 1.56 13.73
N PRO A 12 13.37 1.36 15.04
CA PRO A 12 12.61 0.22 15.57
C PRO A 12 11.12 0.35 15.22
N VAL A 13 10.50 -0.82 15.01
CA VAL A 13 9.11 -0.85 14.60
C VAL A 13 8.23 -0.15 15.63
N GLU A 14 8.50 -0.38 16.91
CA GLU A 14 7.74 0.26 17.98
C GLU A 14 7.74 1.77 17.84
N ASP A 15 8.88 2.34 17.44
CA ASP A 15 8.96 3.80 17.35
C ASP A 15 8.16 4.31 16.16
N VAL A 16 8.16 3.56 15.06
CA VAL A 16 7.33 3.93 13.91
C VAL A 16 5.85 3.87 14.26
N MET A 17 5.43 2.83 14.98
CA MET A 17 4.02 2.74 15.37
C MET A 17 3.64 3.90 16.28
N ARG A 18 4.54 4.30 17.18
CA ARG A 18 4.26 5.43 18.04
C ARG A 18 4.11 6.73 17.24
N ILE A 19 5.02 6.94 16.29
CA ILE A 19 4.90 8.13 15.45
C ILE A 19 3.61 8.10 14.66
N LEU A 20 3.22 6.93 14.13
CA LEU A 20 1.96 6.85 13.42
C LEU A 20 0.79 7.23 14.32
N LYS A 21 0.82 6.76 15.57
CA LYS A 21 -0.28 7.06 16.49
C LYS A 21 -0.34 8.56 16.80
N GLU A 22 0.82 9.18 16.98
CA GLU A 22 0.86 10.57 17.42
C GLU A 22 0.67 11.53 16.25
N SER A 23 1.36 11.28 15.13
CA SER A 23 1.40 12.22 14.02
C SER A 23 0.62 11.76 12.78
N GLY A 24 0.32 10.47 12.66
CA GLY A 24 -0.57 10.00 11.61
C GLY A 24 0.08 9.71 10.28
N THR A 25 1.41 9.85 10.18
CA THR A 25 2.15 9.68 8.93
C THR A 25 3.62 9.81 9.31
N LEU A 26 4.50 9.43 8.39
CA LEU A 26 5.94 9.62 8.52
C LEU A 26 6.56 9.14 7.21
N VAL A 27 7.84 9.47 7.03
CA VAL A 27 8.64 8.95 5.92
C VAL A 27 9.71 8.02 6.46
N ILE A 28 9.87 6.88 5.80
CA ILE A 28 11.00 5.99 6.05
C ILE A 28 11.99 6.15 4.91
N ARG A 29 13.19 6.62 5.24
CA ARG A 29 14.23 6.80 4.23
C ARG A 29 14.76 5.46 3.75
N ASN A 30 15.14 5.41 2.47
CA ASN A 30 15.79 4.23 1.91
C ASN A 30 14.91 2.99 2.02
N PHE A 31 13.60 3.22 1.99
CA PHE A 31 12.64 2.12 2.05
C PHE A 31 12.90 1.10 0.95
N LEU A 32 13.18 1.59 -0.27
CA LEU A 32 13.66 0.76 -1.37
C LEU A 32 15.06 1.21 -1.74
N ASP A 33 15.87 0.26 -2.18
CA ASP A 33 17.17 0.63 -2.73
C ASP A 33 17.02 1.06 -4.19
N GLN A 34 18.11 1.59 -4.76
CA GLN A 34 18.03 2.07 -6.13
C GLN A 34 17.81 0.94 -7.13
N ASN A 35 18.25 -0.27 -6.79
CA ASN A 35 17.99 -1.41 -7.67
C ASN A 35 16.51 -1.64 -7.84
N THR A 36 15.75 -1.62 -6.72
CA THR A 36 14.32 -1.86 -6.79
C THR A 36 13.59 -0.73 -7.51
N VAL A 37 13.99 0.52 -7.24
CA VAL A 37 13.44 1.66 -7.97
C VAL A 37 13.60 1.46 -9.48
N GLN A 38 14.79 1.07 -9.93
CA GLN A 38 15.03 0.94 -11.37
C GLN A 38 14.26 -0.25 -11.94
N LYS A 39 14.22 -1.38 -11.23
CA LYS A 39 13.53 -2.54 -11.77
C LYS A 39 12.04 -2.29 -11.90
N VAL A 40 11.43 -1.62 -10.91
CA VAL A 40 10.02 -1.26 -11.02
C VAL A 40 9.80 -0.29 -12.18
N GLN A 41 10.63 0.76 -12.28
CA GLN A 41 10.54 1.69 -13.41
C GLN A 41 10.63 0.95 -14.74
N ASP A 42 11.62 0.06 -14.86
CA ASP A 42 11.83 -0.68 -16.10
C ASP A 42 10.62 -1.52 -16.45
N GLU A 43 10.01 -2.13 -15.44
CA GLU A 43 8.88 -3.03 -15.67
C GLU A 43 7.57 -2.28 -15.97
N VAL A 44 7.43 -1.02 -15.55
CA VAL A 44 6.17 -0.29 -15.73
C VAL A 44 6.26 0.89 -16.71
N ASP A 45 7.44 1.25 -17.20
CA ASP A 45 7.56 2.56 -17.86
C ASP A 45 6.73 2.62 -19.14
N ASP A 46 6.79 1.60 -19.98
CA ASP A 46 5.99 1.60 -21.21
C ASP A 46 4.50 1.54 -20.90
N TYR A 47 4.13 0.84 -19.83
CA TYR A 47 2.72 0.73 -19.45
C TYR A 47 2.17 2.07 -19.02
N VAL A 48 3.00 2.90 -18.37
CA VAL A 48 2.57 4.22 -17.94
C VAL A 48 2.42 5.17 -19.13
N ARG A 49 3.41 5.17 -20.02
CA ARG A 49 3.34 6.08 -21.17
C ARG A 49 2.17 5.75 -22.08
N ASN A 50 1.85 4.47 -22.22
CA ASN A 50 0.74 4.03 -23.07
C ASN A 50 -0.61 4.13 -22.38
N TRP A 51 -0.63 4.39 -21.08
CA TRP A 51 -1.86 4.50 -20.31
C TRP A 51 -2.58 5.81 -20.64
N LYS A 58 -3.61 15.01 -16.83
CA LYS A 58 -2.23 15.22 -16.39
C LYS A 58 -1.86 14.38 -15.17
N THR A 59 -2.75 13.45 -14.79
CA THR A 59 -2.47 12.46 -13.77
C THR A 59 -2.72 11.09 -14.37
N LYS A 60 -1.76 10.17 -14.22
CA LYS A 60 -1.95 8.78 -14.60
C LYS A 60 -1.81 7.90 -13.37
N GLN A 61 -2.83 7.09 -13.11
CA GLN A 61 -2.81 6.13 -11.99
C GLN A 61 -3.20 4.73 -12.44
N PRO A 62 -2.43 4.12 -13.34
CA PRO A 62 -2.69 2.71 -13.68
C PRO A 62 -2.35 1.80 -12.51
N SER A 63 -3.17 0.76 -12.30
CA SER A 63 -2.95 -0.22 -11.25
C SER A 63 -2.57 -1.56 -11.88
N ASN A 64 -3.08 -2.69 -11.37
CA ASN A 64 -2.69 -3.99 -11.95
C ASN A 64 -1.19 -4.25 -11.80
N LEU A 65 -0.57 -3.76 -10.72
CA LEU A 65 0.89 -3.76 -10.65
C LEU A 65 1.47 -5.16 -10.46
N SER A 66 0.76 -6.04 -9.76
CA SER A 66 1.27 -7.40 -9.59
C SER A 66 1.29 -8.15 -10.91
N LEU A 67 0.33 -7.86 -11.79
CA LEU A 67 0.35 -8.45 -13.12
C LEU A 67 1.46 -7.87 -13.97
N MET A 68 1.69 -6.56 -13.88
CA MET A 68 2.60 -5.93 -14.82
C MET A 68 4.05 -5.95 -14.37
N SER A 69 4.33 -6.17 -13.09
CA SER A 69 5.67 -6.03 -12.54
C SER A 69 6.07 -7.25 -11.71
N LYS A 70 7.00 -8.04 -12.22
CA LYS A 70 7.52 -9.17 -11.45
C LYS A 70 8.18 -8.70 -10.15
N THR A 71 8.87 -7.57 -10.19
CA THR A 71 9.48 -7.05 -8.97
C THR A 71 8.42 -6.70 -7.94
N TYR A 72 7.29 -6.15 -8.38
CA TYR A 72 6.21 -5.82 -7.46
C TYR A 72 5.68 -7.07 -6.76
N ARG A 73 5.34 -8.10 -7.53
CA ARG A 73 4.71 -9.28 -6.92
C ARG A 73 5.71 -10.18 -6.22
N CYS A 74 6.96 -10.21 -6.69
CA CYS A 74 7.95 -11.11 -6.10
C CYS A 74 8.77 -10.47 -5.00
N GLU A 75 8.95 -9.16 -5.04
CA GLU A 75 9.81 -8.48 -4.07
C GLU A 75 9.06 -7.44 -3.25
N VAL A 76 8.46 -6.42 -3.88
CA VAL A 76 7.88 -5.31 -3.13
C VAL A 76 6.82 -5.80 -2.13
N LEU A 77 5.97 -6.75 -2.54
CA LEU A 77 4.89 -7.17 -1.66
C LEU A 77 5.36 -8.03 -0.50
N ASN A 78 6.64 -8.43 -0.47
CA ASN A 78 7.24 -9.10 0.67
C ASN A 78 7.96 -8.13 1.59
N HIS A 79 7.81 -6.83 1.38
CA HIS A 79 8.62 -5.85 2.10
C HIS A 79 8.45 -5.97 3.61
N PRO A 80 9.54 -6.19 4.36
CA PRO A 80 9.38 -6.41 5.81
C PRO A 80 8.75 -5.26 6.58
N TRP A 81 8.93 -4.01 6.13
CA TRP A 81 8.30 -2.91 6.84
C TRP A 81 6.79 -2.92 6.66
N MET A 82 6.32 -3.25 5.45
CA MET A 82 4.87 -3.32 5.26
C MET A 82 4.25 -4.33 6.21
N HIS A 83 4.84 -5.52 6.32
CA HIS A 83 4.25 -6.55 7.15
C HIS A 83 4.42 -6.27 8.64
N ALA A 84 5.54 -5.67 9.04
CA ALA A 84 5.72 -5.34 10.44
C ALA A 84 4.66 -4.35 10.89
N ILE A 85 4.37 -3.33 10.07
CA ILE A 85 3.37 -2.34 10.43
C ILE A 85 1.97 -2.94 10.38
N CYS A 86 1.67 -3.67 9.31
CA CYS A 86 0.31 -4.18 9.14
C CYS A 86 -0.06 -5.20 10.22
N GLU A 87 0.89 -6.07 10.59
CA GLU A 87 0.60 -7.01 11.66
C GLU A 87 0.22 -6.28 12.94
N ARG A 88 0.92 -5.18 13.23
CA ARG A 88 0.63 -4.45 14.47
C ARG A 88 -0.62 -3.59 14.34
N MET A 89 -0.93 -3.08 13.15
CA MET A 89 -2.10 -2.21 13.01
C MET A 89 -3.39 -3.02 12.94
N PHE A 90 -3.37 -4.15 12.24
CA PHE A 90 -4.58 -4.93 12.00
C PHE A 90 -4.66 -6.22 12.79
N GLY A 91 -3.54 -6.79 13.20
CA GLY A 91 -3.52 -8.09 13.83
C GLY A 91 -4.35 -8.22 15.09
N PRO A 92 -4.16 -7.33 16.07
CA PRO A 92 -4.90 -7.50 17.33
C PRO A 92 -6.42 -7.50 17.18
N THR A 93 -6.94 -6.68 16.26
CA THR A 93 -8.39 -6.50 16.12
C THR A 93 -8.99 -7.49 15.13
N TYR A 94 -8.32 -7.74 14.01
CA TYR A 94 -8.89 -8.45 12.89
C TYR A 94 -8.22 -9.78 12.60
N GLY A 95 -6.99 -9.95 13.00
CA GLY A 95 -6.21 -11.12 12.58
C GLY A 95 -5.44 -10.82 11.29
N ASP A 96 -5.80 -11.53 10.23
CA ASP A 96 -5.10 -11.35 8.97
C ASP A 96 -5.46 -10.01 8.30
N TYR A 97 -4.57 -9.57 7.42
CA TYR A 97 -4.79 -8.46 6.51
C TYR A 97 -4.40 -8.93 5.11
N TRP A 98 -4.77 -8.12 4.11
CA TRP A 98 -4.42 -8.44 2.74
C TRP A 98 -4.33 -7.17 1.91
N PHE A 99 -3.90 -7.33 0.66
CA PHE A 99 -3.67 -6.19 -0.23
C PHE A 99 -4.99 -5.52 -0.56
N ASN A 100 -4.97 -4.18 -0.60
CA ASN A 100 -6.16 -3.42 -0.95
C ASN A 100 -6.08 -2.95 -2.40
N GLY A 101 -5.15 -2.06 -2.71
CA GLY A 101 -4.92 -1.61 -4.08
C GLY A 101 -3.55 -0.99 -4.19
N GLY A 102 -3.10 -0.80 -5.41
CA GLY A 102 -1.83 -0.12 -5.58
C GLY A 102 -1.64 0.36 -7.00
N SER A 103 -1.27 1.62 -7.16
CA SER A 103 -1.12 2.15 -8.50
C SER A 103 0.13 2.99 -8.63
N ILE A 104 0.50 3.21 -9.88
CA ILE A 104 1.46 4.26 -10.20
C ILE A 104 0.83 5.60 -9.89
N LEU A 105 1.64 6.52 -9.36
CA LEU A 105 1.19 7.87 -9.00
C LEU A 105 2.02 8.85 -9.83
N HIS A 106 1.52 9.18 -11.01
CA HIS A 106 2.31 9.89 -12.03
C HIS A 106 1.68 11.25 -12.29
N LEU A 107 2.46 12.31 -12.10
CA LEU A 107 2.02 13.68 -12.36
C LEU A 107 2.78 14.22 -13.56
N GLU A 108 2.05 14.52 -14.63
CA GLU A 108 2.64 15.18 -15.78
C GLU A 108 2.95 16.63 -15.42
N PRO A 109 3.92 17.24 -16.11
CA PRO A 109 4.15 18.68 -15.95
C PRO A 109 2.85 19.45 -16.18
N GLY A 110 2.57 20.39 -15.28
CA GLY A 110 1.37 21.20 -15.39
C GLY A 110 0.15 20.68 -14.64
N GLU A 111 0.22 19.49 -14.05
CA GLU A 111 -0.93 19.00 -13.31
C GLU A 111 -1.23 19.89 -12.11
N ASN A 112 -2.52 20.07 -11.84
CA ASN A 112 -2.96 20.90 -10.73
C ASN A 112 -2.99 20.11 -9.42
N THR A 113 -3.06 20.84 -8.32
CA THR A 113 -3.14 20.24 -7.00
C THR A 113 -4.35 19.32 -6.91
N GLN A 114 -4.15 18.12 -6.33
CA GLN A 114 -5.19 17.14 -6.11
C GLN A 114 -6.03 17.53 -4.89
N PRO A 115 -7.34 17.29 -4.92
CA PRO A 115 -8.15 17.59 -3.73
C PRO A 115 -7.62 16.87 -2.49
N ILE A 116 -7.59 17.59 -1.38
CA ILE A 116 -7.14 17.03 -0.10
C ILE A 116 -8.20 16.06 0.42
N HIS A 117 -7.76 14.87 0.81
CA HIS A 117 -8.71 13.79 1.09
C HIS A 117 -8.13 12.83 2.14
N GLN A 118 -9.02 12.02 2.71
CA GLN A 118 -8.63 10.82 3.44
C GLN A 118 -8.89 9.62 2.54
N ASP A 119 -7.94 8.67 2.48
CA ASP A 119 -8.15 7.52 1.60
C ASP A 119 -9.32 6.65 2.04
N HIS A 120 -9.71 6.71 3.30
CA HIS A 120 -10.73 5.78 3.78
C HIS A 120 -12.16 6.22 3.50
N VAL A 121 -12.35 7.33 2.77
CA VAL A 121 -13.67 7.91 2.64
C VAL A 121 -14.65 6.97 1.94
N PHE A 122 -14.14 6.09 1.07
CA PHE A 122 -15.02 5.22 0.30
C PHE A 122 -15.53 4.02 1.10
N TYR A 123 -15.06 3.81 2.33
CA TYR A 123 -15.64 2.81 3.22
C TYR A 123 -16.83 3.42 3.93
N GLN A 124 -18.03 2.88 3.71
CA GLN A 124 -19.18 3.40 4.44
C GLN A 124 -18.95 3.31 5.94
N ILE A 125 -18.27 2.24 6.39
CA ILE A 125 -18.03 2.06 7.81
C ILE A 125 -17.08 3.09 8.40
N SER A 126 -16.44 3.93 7.57
CA SER A 126 -15.67 5.02 8.15
C SER A 126 -16.55 5.97 8.93
N LYS A 127 -17.86 5.97 8.67
CA LYS A 127 -18.79 6.81 9.42
C LYS A 127 -19.08 6.24 10.81
N TRP A 128 -18.86 4.94 11.03
CA TRP A 128 -19.06 4.32 12.33
C TRP A 128 -17.79 4.34 13.17
N ARG A 129 -16.65 4.46 12.53
CA ARG A 129 -15.36 4.38 13.18
C ARG A 129 -15.08 5.64 13.97
N ARG A 130 -14.32 5.49 15.05
CA ARG A 130 -13.78 6.61 15.81
C ARG A 130 -12.29 6.77 15.54
N PRO A 131 -11.74 7.97 15.74
CA PRO A 131 -10.30 8.18 15.42
C PRO A 131 -9.36 7.35 16.27
N THR A 132 -9.82 6.79 17.39
CA THR A 132 -9.00 5.93 18.21
C THR A 132 -9.09 4.46 17.80
N ASP A 133 -9.97 4.12 16.87
CA ASP A 133 -10.05 2.76 16.33
C ASP A 133 -8.92 2.54 15.33
N PRO A 134 -8.54 1.28 15.10
CA PRO A 134 -7.54 1.01 14.07
C PRO A 134 -8.01 1.59 12.73
N ASP A 135 -7.04 2.01 11.93
CA ASP A 135 -7.35 2.48 10.58
C ASP A 135 -7.99 1.38 9.76
N LEU A 136 -8.74 1.81 8.75
CA LEU A 136 -9.40 0.89 7.83
C LEU A 136 -8.49 0.41 6.72
N THR A 137 -7.41 1.13 6.45
CA THR A 137 -6.49 0.81 5.38
C THR A 137 -5.21 1.59 5.65
N ILE A 138 -4.12 1.14 5.03
CA ILE A 138 -2.84 1.84 5.12
C ILE A 138 -2.13 1.74 3.78
N ASN A 139 -1.52 2.86 3.37
CA ASN A 139 -0.89 3.00 2.06
C ASN A 139 0.60 3.30 2.27
N PHE A 140 1.43 2.72 1.41
CA PHE A 140 2.86 3.02 1.34
C PHE A 140 3.10 3.66 -0.01
N THR A 141 3.47 4.96 0.00
CA THR A 141 3.68 5.73 -1.23
C THR A 141 5.19 5.88 -1.42
N MET A 142 5.73 5.18 -2.41
CA MET A 142 7.17 5.07 -2.61
C MET A 142 7.61 5.96 -3.76
N ALA A 143 8.63 6.78 -3.53
CA ALA A 143 9.11 7.67 -4.57
C ALA A 143 9.91 6.91 -5.63
N LEU A 144 9.59 7.18 -6.89
CA LEU A 144 10.41 6.69 -8.00
C LEU A 144 11.30 7.81 -8.51
N THR A 145 10.72 8.94 -8.89
CA THR A 145 11.48 10.18 -9.00
C THR A 145 11.58 10.83 -7.62
N GLU A 146 12.43 11.85 -7.53
CA GLU A 146 12.37 12.71 -6.37
C GLU A 146 10.97 13.29 -6.21
N PHE A 147 10.59 13.55 -4.97
CA PHE A 147 9.38 14.30 -4.63
C PHE A 147 9.85 15.64 -4.06
N THR A 148 9.48 16.73 -4.72
CA THR A 148 9.83 18.07 -4.24
C THR A 148 8.55 18.88 -4.06
N VAL A 149 8.68 20.07 -3.45
CA VAL A 149 7.54 20.97 -3.42
C VAL A 149 7.05 21.24 -4.85
N GLU A 150 8.00 21.60 -5.72
CA GLU A 150 7.68 22.17 -7.01
C GLU A 150 7.14 21.12 -7.98
N ASN A 151 7.50 19.85 -7.82
CA ASN A 151 7.03 18.83 -8.74
C ASN A 151 5.78 18.12 -8.27
N GLY A 152 5.17 18.60 -7.20
CA GLY A 152 3.91 18.05 -6.74
C GLY A 152 4.02 16.93 -5.72
N GLY A 153 5.15 16.82 -5.03
CA GLY A 153 5.29 15.85 -3.96
C GLY A 153 4.10 15.89 -3.03
N THR A 154 3.66 14.71 -2.59
CA THR A 154 2.51 14.59 -1.70
C THR A 154 2.65 15.51 -0.50
N ARG A 155 1.51 16.04 -0.04
CA ARG A 155 1.46 16.87 1.15
C ARG A 155 0.54 16.20 2.17
N VAL A 156 0.88 16.36 3.46
CA VAL A 156 0.14 15.74 4.55
C VAL A 156 -0.20 16.80 5.59
N CYS A 157 -1.13 16.47 6.48
CA CYS A 157 -1.49 17.35 7.59
C CYS A 157 -1.29 16.57 8.88
N PRO A 158 -0.09 16.59 9.45
CA PRO A 158 0.19 15.77 10.63
C PRO A 158 -0.81 16.08 11.74
N GLY A 159 -1.28 15.02 12.40
CA GLY A 159 -2.28 15.13 13.44
C GLY A 159 -3.71 15.05 12.98
N SER A 160 -3.98 15.23 11.68
CA SER A 160 -5.34 15.28 11.20
C SER A 160 -6.03 13.92 11.20
N HIS A 161 -5.27 12.84 11.40
CA HIS A 161 -5.86 11.52 11.55
C HIS A 161 -6.69 11.41 12.83
N LEU A 162 -6.50 12.33 13.78
CA LEU A 162 -7.22 12.28 15.05
C LEU A 162 -8.49 13.12 15.04
N TRP A 163 -8.74 13.88 13.98
CA TRP A 163 -9.95 14.68 13.87
C TRP A 163 -11.17 13.77 13.78
N GLU A 164 -12.27 14.24 14.35
CA GLU A 164 -13.50 13.46 14.30
C GLU A 164 -14.07 13.45 12.88
N ASN A 165 -14.89 12.44 12.61
CA ASN A 165 -15.61 12.37 11.34
C ASN A 165 -16.39 13.65 11.10
N GLY A 166 -16.39 14.10 9.85
CA GLY A 166 -17.10 15.31 9.47
C GLY A 166 -16.30 16.57 9.66
N HIS A 167 -15.12 16.50 10.26
CA HIS A 167 -14.22 17.65 10.30
C HIS A 167 -13.93 18.10 8.87
N ALA A 168 -13.86 19.41 8.69
CA ALA A 168 -13.52 19.94 7.38
C ALA A 168 -12.11 19.55 6.99
N SER A 169 -11.84 19.55 5.69
CA SER A 169 -10.49 19.29 5.21
C SER A 169 -9.53 20.36 5.76
N PRO A 170 -8.25 20.02 5.89
CA PRO A 170 -7.27 21.06 6.24
C PRO A 170 -7.27 22.17 5.19
N ALA A 171 -6.90 23.36 5.62
CA ALA A 171 -6.64 24.42 4.66
C ALA A 171 -5.38 24.11 3.86
N GLU A 172 -5.34 24.60 2.62
CA GLU A 172 -4.17 24.40 1.78
C GLU A 172 -2.90 24.86 2.49
N GLU A 173 -2.99 25.98 3.20
CA GLU A 173 -1.84 26.53 3.91
C GLU A 173 -1.39 25.66 5.07
N ASP A 174 -2.23 24.72 5.53
CA ASP A 174 -1.88 23.80 6.60
C ASP A 174 -1.15 22.56 6.09
N MET A 175 -1.04 22.39 4.79
CA MET A 175 -0.47 21.17 4.24
C MET A 175 1.05 21.24 4.25
N VAL A 176 1.68 20.13 4.59
CA VAL A 176 3.13 20.00 4.76
C VAL A 176 3.64 19.14 3.61
N PRO A 177 4.49 19.67 2.73
CA PRO A 177 4.98 18.86 1.61
C PRO A 177 5.99 17.82 2.08
N VAL A 178 5.98 16.68 1.40
CA VAL A 178 6.84 15.55 1.75
C VAL A 178 7.96 15.48 0.74
N LEU A 179 9.19 15.73 1.20
CA LEU A 179 10.36 15.82 0.33
C LEU A 179 11.11 14.50 0.39
N MET A 180 11.16 13.78 -0.74
CA MET A 180 11.66 12.41 -0.78
C MET A 180 12.63 12.24 -1.93
N GLN A 181 13.66 11.44 -1.69
CA GLN A 181 14.53 10.95 -2.74
C GLN A 181 13.98 9.64 -3.27
N PRO A 182 14.35 9.24 -4.50
CA PRO A 182 13.92 7.94 -5.02
C PRO A 182 14.19 6.85 -4.00
N GLY A 183 13.15 6.04 -3.73
CA GLY A 183 13.25 4.94 -2.80
C GLY A 183 12.76 5.24 -1.39
N ASP A 184 12.61 6.50 -1.03
CA ASP A 184 11.98 6.79 0.24
C ASP A 184 10.49 6.46 0.16
N ALA A 185 9.87 6.26 1.32
CA ALA A 185 8.45 5.96 1.34
C ALA A 185 7.72 6.80 2.37
N LEU A 186 6.54 7.27 1.97
CA LEU A 186 5.59 7.95 2.84
C LEU A 186 4.52 6.97 3.29
N ILE A 187 4.26 6.93 4.59
CA ILE A 187 3.26 6.02 5.17
C ILE A 187 1.97 6.81 5.40
N LEU A 188 0.88 6.34 4.81
CA LEU A 188 -0.41 7.05 4.83
C LEU A 188 -1.49 6.13 5.36
N PRO A 189 -1.77 6.16 6.66
CA PRO A 189 -2.99 5.53 7.17
C PRO A 189 -4.20 6.15 6.48
N GLY A 190 -5.29 5.38 6.41
CA GLY A 190 -6.49 5.81 5.71
C GLY A 190 -7.13 7.06 6.28
N SER A 191 -6.77 7.44 7.50
CA SER A 191 -7.35 8.60 8.18
C SER A 191 -6.53 9.87 8.02
N MET A 192 -5.33 9.80 7.45
CA MET A 192 -4.51 11.00 7.27
C MET A 192 -5.01 11.81 6.08
N TRP A 193 -5.24 13.11 6.30
CA TRP A 193 -5.57 14.00 5.20
C TRP A 193 -4.31 14.35 4.40
N HIS A 194 -4.40 14.24 3.08
CA HIS A 194 -3.23 14.43 2.22
C HIS A 194 -3.69 14.67 0.79
N SER A 195 -2.72 15.05 -0.05
CA SER A 195 -3.02 15.15 -1.49
C SER A 195 -1.73 15.32 -2.27
N ALA A 196 -1.77 14.92 -3.53
CA ALA A 196 -0.72 15.29 -4.46
C ALA A 196 -0.74 16.81 -4.68
N GLY A 197 0.45 17.37 -4.91
CA GLY A 197 0.56 18.78 -5.23
C GLY A 197 0.55 19.02 -6.72
N ALA A 198 0.65 20.31 -7.08
CA ALA A 198 0.76 20.69 -8.48
C ALA A 198 2.18 20.46 -8.98
N ASN A 199 2.30 19.96 -10.20
CA ASN A 199 3.63 19.79 -10.81
C ASN A 199 3.92 21.03 -11.63
N ARG A 200 4.72 21.93 -11.05
CA ARG A 200 5.07 23.19 -11.68
C ARG A 200 6.41 23.12 -12.41
N THR A 201 6.96 21.93 -12.59
CA THR A 201 8.23 21.73 -13.27
C THR A 201 7.99 21.15 -14.67
N SER A 202 9.08 21.00 -15.40
CA SER A 202 9.04 20.47 -16.76
C SER A 202 9.23 18.96 -16.83
N GLU A 203 9.37 18.30 -15.68
CA GLU A 203 9.60 16.86 -15.62
C GLU A 203 8.49 16.20 -14.82
N TYR A 204 8.12 14.99 -15.22
CA TYR A 204 7.08 14.28 -14.48
C TYR A 204 7.58 13.90 -13.09
N ARG A 205 6.63 13.76 -12.17
CA ARG A 205 6.89 13.26 -10.82
C ARG A 205 6.17 11.93 -10.68
N ARG A 206 6.90 10.89 -10.32
CA ARG A 206 6.30 9.55 -10.27
C ARG A 206 6.65 8.83 -8.98
N GLY A 207 5.62 8.26 -8.36
CA GLY A 207 5.81 7.28 -7.31
C GLY A 207 4.93 6.10 -7.60
N PHE A 208 4.85 5.15 -6.65
CA PHE A 208 3.93 4.04 -6.77
C PHE A 208 3.58 3.58 -5.36
N ALA A 209 2.45 2.88 -5.24
CA ALA A 209 1.93 2.53 -3.93
C ALA A 209 1.62 1.04 -3.80
N THR A 210 1.68 0.59 -2.55
CA THR A 210 0.95 -0.57 -2.07
C THR A 210 -0.01 -0.09 -1.01
N SER A 211 -1.02 -0.89 -0.72
CA SER A 211 -1.87 -0.64 0.43
C SER A 211 -2.47 -1.96 0.89
N PHE A 212 -2.81 -1.99 2.18
CA PHE A 212 -3.31 -3.19 2.85
C PHE A 212 -4.43 -2.82 3.80
N HIS A 213 -5.31 -3.78 4.05
CA HIS A 213 -6.44 -3.53 4.92
C HIS A 213 -6.90 -4.84 5.53
N PRO A 214 -7.78 -4.79 6.53
CA PRO A 214 -8.20 -6.02 7.22
C PRO A 214 -8.76 -7.07 6.28
N CYS A 215 -8.54 -8.33 6.67
CA CYS A 215 -9.00 -9.44 5.86
C CYS A 215 -10.50 -9.47 5.67
N HIS A 216 -11.26 -8.84 6.57
CA HIS A 216 -12.72 -8.87 6.46
C HIS A 216 -13.28 -7.81 5.53
N PHE A 217 -12.45 -7.01 4.87
CA PHE A 217 -12.91 -6.01 3.92
C PHE A 217 -12.47 -6.41 2.51
N THR A 218 -13.29 -6.08 1.53
CA THR A 218 -13.05 -6.48 0.15
C THR A 218 -12.03 -5.54 -0.50
N PRO A 219 -10.96 -6.08 -1.08
CA PRO A 219 -9.96 -5.24 -1.74
C PRO A 219 -10.51 -4.44 -2.91
N ILE A 220 -9.90 -3.26 -3.11
CA ILE A 220 -10.17 -2.48 -4.32
C ILE A 220 -9.90 -3.31 -5.56
N GLU A 221 -8.81 -4.07 -5.55
CA GLU A 221 -8.37 -4.85 -6.70
C GLU A 221 -8.46 -6.34 -6.40
N SER A 222 -9.09 -7.09 -7.31
CA SER A 222 -8.95 -8.53 -7.35
C SER A 222 -7.69 -8.89 -8.13
N HIS A 223 -7.20 -10.10 -7.88
CA HIS A 223 -6.11 -10.67 -8.65
C HIS A 223 -6.47 -11.99 -9.30
N HIS A 224 -7.78 -12.29 -9.35
N HIS A 224 -7.76 -12.34 -9.36
CA HIS A 224 -8.26 -13.58 -9.85
CA HIS A 224 -8.11 -13.66 -9.86
C HIS A 224 -7.96 -13.77 -11.33
C HIS A 224 -8.03 -13.77 -11.38
N HIS A 225 -7.72 -12.68 -12.07
CA HIS A 225 -7.37 -12.74 -13.48
C HIS A 225 -5.89 -13.04 -13.73
N LEU A 226 -5.05 -13.08 -12.71
CA LEU A 226 -3.63 -13.29 -12.96
C LEU A 226 -3.40 -14.73 -13.40
N PRO A 227 -2.44 -14.97 -14.29
CA PRO A 227 -2.13 -16.34 -14.70
C PRO A 227 -1.69 -17.20 -13.53
N ARG A 228 -2.08 -18.47 -13.59
CA ARG A 228 -1.68 -19.45 -12.57
C ARG A 228 -0.18 -19.41 -12.33
N GLU A 229 0.59 -19.28 -13.40
CA GLU A 229 2.05 -19.36 -13.28
C GLU A 229 2.60 -18.19 -12.46
N MET A 230 1.98 -17.02 -12.57
CA MET A 230 2.41 -15.90 -11.73
C MET A 230 2.09 -16.15 -10.26
N VAL A 231 0.94 -16.78 -10.00
CA VAL A 231 0.57 -17.04 -8.62
C VAL A 231 1.54 -18.04 -8.01
N GLU A 232 1.97 -19.03 -8.79
CA GLU A 232 2.89 -20.04 -8.27
C GLU A 232 4.28 -19.47 -7.99
N GLU A 233 4.64 -18.34 -8.57
CA GLU A 233 5.94 -17.75 -8.23
C GLU A 233 5.89 -16.83 -7.00
N MET A 234 4.70 -16.55 -6.46
CA MET A 234 4.60 -15.76 -5.24
C MET A 234 4.90 -16.61 -4.01
N THR A 235 5.41 -15.93 -2.97
CA THR A 235 5.56 -16.56 -1.68
C THR A 235 4.19 -16.86 -1.09
N PRO A 236 4.11 -17.77 -0.13
CA PRO A 236 2.82 -17.99 0.54
C PRO A 236 2.22 -16.71 1.10
N LEU A 237 3.07 -15.82 1.62
CA LEU A 237 2.58 -14.55 2.17
C LEU A 237 1.94 -13.70 1.08
N VAL A 238 2.60 -13.56 -0.06
CA VAL A 238 2.05 -12.75 -1.13
C VAL A 238 0.83 -13.41 -1.73
N GLN A 239 0.79 -14.74 -1.81
CA GLN A 239 -0.43 -15.41 -2.24
C GLN A 239 -1.61 -15.02 -1.35
N LYS A 240 -1.39 -14.97 -0.04
CA LYS A 240 -2.44 -14.52 0.85
C LYS A 240 -2.74 -13.05 0.64
N MET A 241 -1.71 -12.21 0.45
CA MET A 241 -1.97 -10.79 0.21
C MET A 241 -2.87 -10.58 -0.99
N LEU A 242 -2.71 -11.39 -2.03
CA LEU A 242 -3.38 -11.14 -3.30
C LEU A 242 -4.64 -11.98 -3.51
N GLY A 243 -5.18 -12.60 -2.46
CA GLY A 243 -6.48 -13.23 -2.54
C GLY A 243 -6.52 -14.69 -2.90
N PHE A 244 -5.40 -15.40 -2.80
CA PHE A 244 -5.34 -16.80 -3.19
C PHE A 244 -5.37 -17.75 -2.02
N ARG A 245 -5.46 -17.23 -0.79
CA ARG A 245 -5.47 -18.07 0.40
C ARG A 245 -6.59 -17.70 1.36
N THR A 246 -7.06 -18.70 2.08
CA THR A 246 -8.06 -18.47 3.11
C THR A 246 -7.47 -17.60 4.22
N LEU A 247 -8.33 -16.79 4.84
CA LEU A 247 -7.90 -15.76 5.77
C LEU A 247 -8.35 -16.10 7.18
N ASN A 248 -7.46 -15.88 8.15
CA ASN A 248 -7.71 -16.20 9.54
C ASN A 248 -8.09 -14.96 10.31
N LEU A 249 -9.23 -15.00 10.99
CA LEU A 249 -9.59 -13.94 11.91
C LEU A 249 -8.99 -14.33 13.26
N HIS A 250 -9.81 -14.57 14.27
CA HIS A 250 -9.31 -15.07 15.55
C HIS A 250 -10.12 -16.28 15.98
N ASN A 251 -9.49 -17.09 16.83
CA ASN A 251 -10.12 -18.27 17.46
C ASN A 251 -10.86 -19.13 16.44
N ASN A 252 -10.10 -19.58 15.44
CA ASN A 252 -10.51 -20.53 14.42
C ASN A 252 -11.53 -19.98 13.43
N VAL A 253 -11.89 -18.70 13.52
CA VAL A 253 -12.78 -18.11 12.54
C VAL A 253 -11.97 -17.79 11.29
N LYS A 254 -12.49 -18.20 10.14
CA LYS A 254 -11.85 -17.97 8.86
C LYS A 254 -12.88 -17.38 7.91
N VAL A 255 -12.39 -16.56 6.98
CA VAL A 255 -13.20 -16.14 5.85
C VAL A 255 -12.43 -16.51 4.58
N TRP A 256 -13.11 -16.38 3.44
CA TRP A 256 -12.48 -16.71 2.17
C TRP A 256 -12.10 -18.20 2.12
N LYS A 257 -12.98 -19.04 2.65
CA LYS A 257 -12.78 -20.48 2.72
C LYS A 257 -13.30 -21.14 1.45
N ALA A 258 -12.75 -22.31 1.11
CA ALA A 258 -13.34 -23.15 0.08
C ALA A 258 -14.16 -24.19 0.83
N GLY A 259 -15.46 -23.95 0.89
CA GLY A 259 -16.31 -24.72 1.77
C GLY A 259 -15.88 -24.53 3.20
N GLU A 260 -15.50 -25.63 3.84
CA GLU A 260 -14.95 -25.61 5.19
C GLU A 260 -13.43 -25.68 5.21
N GLY A 261 -12.78 -25.93 4.07
CA GLY A 261 -11.35 -26.03 3.98
C GLY A 261 -10.71 -24.75 3.44
N ASN A 262 -9.43 -24.87 3.11
CA ASN A 262 -8.66 -23.71 2.66
C ASN A 262 -8.69 -23.62 1.14
N LEU A 263 -8.83 -22.38 0.66
CA LEU A 263 -8.88 -22.13 -0.77
C LEU A 263 -7.64 -22.67 -1.48
N GLU A 264 -6.46 -22.44 -0.90
CA GLU A 264 -5.20 -22.78 -1.56
C GLU A 264 -4.97 -24.30 -1.60
N ASP A 265 -5.67 -25.06 -0.77
CA ASP A 265 -5.70 -26.51 -0.93
C ASP A 265 -6.69 -26.90 -2.03
N ALA A 266 -7.87 -26.29 -2.05
CA ALA A 266 -8.88 -26.67 -3.03
C ALA A 266 -8.44 -26.38 -4.46
N THR A 267 -7.63 -25.34 -4.66
CA THR A 267 -7.15 -25.00 -6.00
C THR A 267 -5.87 -25.72 -6.36
N GLY A 268 -5.33 -26.51 -5.45
CA GLY A 268 -4.06 -27.16 -5.73
C GLY A 268 -2.89 -26.23 -5.76
N LEU A 269 -3.03 -25.02 -5.22
CA LEU A 269 -1.94 -24.06 -5.25
C LEU A 269 -0.80 -24.51 -4.36
N LYS A 270 -1.11 -25.14 -3.23
CA LYS A 270 -0.04 -25.61 -2.34
C LYS A 270 0.68 -26.80 -2.97
N SER A 271 2.00 -26.75 -2.95
CA SER A 271 2.81 -27.81 -3.55
C SER A 271 2.59 -29.13 -2.83
N VAL A 272 2.51 -30.20 -3.61
CA VAL A 272 2.46 -31.55 -3.08
C VAL A 272 3.62 -32.32 -3.71
N ALA A 273 4.01 -33.41 -3.05
CA ALA A 273 5.09 -34.23 -3.56
C ALA A 273 4.55 -35.18 -4.63
N ALA A 274 5.25 -35.24 -5.76
CA ALA A 274 4.88 -36.20 -6.80
C ALA A 274 5.03 -37.62 -6.28
N LYS A 275 4.28 -38.53 -6.90
CA LYS A 275 4.49 -39.95 -6.66
C LYS A 275 5.87 -40.36 -7.19
N LEU A 276 6.52 -41.28 -6.47
CA LEU A 276 7.85 -41.72 -6.87
C LEU A 276 7.85 -42.23 -8.31
N ALA A 277 6.82 -42.97 -8.71
CA ALA A 277 6.77 -43.50 -10.07
C ALA A 277 6.71 -42.38 -11.10
N ALA A 278 5.92 -41.33 -10.84
CA ALA A 278 5.83 -40.22 -11.77
C ALA A 278 7.17 -39.49 -11.88
N ALA A 279 7.89 -39.37 -10.77
CA ALA A 279 9.20 -38.74 -10.79
C ALA A 279 10.19 -39.55 -11.61
N LEU A 280 10.10 -40.87 -11.53
CA LEU A 280 10.99 -41.75 -12.26
C LEU A 280 10.58 -41.81 -13.73
C1 OGA B . -4.26 9.38 -4.14
C2 OGA B . -3.13 10.18 -3.55
C4 OGA B . -0.96 11.23 -3.75
C5 OGA B . 0.14 11.52 -4.76
O1 OGA B . -4.29 9.30 -5.37
O2 OGA B . -5.06 8.88 -3.33
O2' OGA B . -3.18 10.46 -2.35
O3 OGA B . 0.02 11.06 -5.91
N1 OGA B . -2.09 10.51 -4.31
O4 OGA B . 1.11 12.19 -4.35
FE FE2 C . -4.68 9.43 -1.28
#